data_6UWG
#
_entry.id   6UWG
#
_cell.length_a   39.324
_cell.length_b   73.516
_cell.length_c   163.526
_cell.angle_alpha   90.000
_cell.angle_beta   90.000
_cell.angle_gamma   90.000
#
_symmetry.space_group_name_H-M   'P 21 21 21'
#
loop_
_entity.id
_entity.type
_entity.pdbx_description
1 polymer I-OnuI-e-Therm-E178D
2 polymer 'DNA (26-MER)'
3 polymer 'DNA (26-MER)'
4 non-polymer 'CALCIUM ION'
5 non-polymer 1,2-ETHANEDIOL
6 water water
#
loop_
_entity_poly.entity_id
_entity_poly.type
_entity_poly.pdbx_seq_one_letter_code
_entity_poly.pdbx_strand_id
1 'polypeptide(L)'
;MASSRRESINPWILTGFADAEGSFLLRIRKNNKSSVGYSTELGFQITLHNKDKSILENIQSTWGVGVIANSGDNAVSLKV
TRFEDLKVIIDHFEKYPLITQKYADYMLFKQAFNVMENKEHLTIEGIKELVRIKAKLNWGLTDELKKAFPEIISKERSLI
NKNIPNFKWLAGFTSGDGCFFVNLIKSKSKLGVQVQLVFSITQHIRDKNLMNSLITYLGCGYIKKKNKSEFSWLDFVVTK
FSDIRDKIIPFFQEYTLIGTKLKDFEDWCKVAKLIEEKKHLTEEGLDEIKKIKLNMNKGRVF
;
A
2 'polydeoxyribonucleotide'
;(DG)(DG)(DG)(DT)(DT)(DT)(DC)(DC)(DA)(DC)(DT)(DT)(DA)(DT)(DT)(DC)(DA)(DA)(DC)(DC)
(DT)(DT)(DT)(DT)(DA)(DG)
;
B
3 'polydeoxyribonucleotide'
;(DC)(DC)(DT)(DA)(DA)(DA)(DA)(DG)(DG)(DT)(DT)(DG)(DA)(DA)(DT)(DA)(DA)(DG)(DT)(DG)
(DG)(DA)(DA)(DA)(DC)(DC)
;
C
#
loop_
_chem_comp.id
_chem_comp.type
_chem_comp.name
_chem_comp.formula
CA non-polymer 'CALCIUM ION' 'Ca 2'
DA DNA linking 2'-DEOXYADENOSINE-5'-MONOPHOSPHATE 'C10 H14 N5 O6 P'
DC DNA linking 2'-DEOXYCYTIDINE-5'-MONOPHOSPHATE 'C9 H14 N3 O7 P'
DG DNA linking 2'-DEOXYGUANOSINE-5'-MONOPHOSPHATE 'C10 H14 N5 O7 P'
DT DNA linking THYMIDINE-5'-MONOPHOSPHATE 'C10 H15 N2 O8 P'
EDO non-polymer 1,2-ETHANEDIOL 'C2 H6 O2'
#
# COMPACT_ATOMS: atom_id res chain seq x y z
N ARG A 5 8.01 -20.55 4.10
CA ARG A 5 7.15 -21.39 3.25
C ARG A 5 6.52 -20.56 2.13
N ARG A 6 7.02 -20.76 0.90
CA ARG A 6 6.57 -19.97 -0.24
C ARG A 6 5.19 -20.43 -0.69
N GLU A 7 4.25 -19.49 -0.73
CA GLU A 7 2.89 -19.75 -1.20
C GLU A 7 2.55 -18.73 -2.28
N SER A 8 1.74 -19.16 -3.26
CA SER A 8 1.39 -18.32 -4.39
C SER A 8 0.32 -17.32 -3.98
N ILE A 9 0.60 -16.03 -4.17
CA ILE A 9 -0.35 -14.99 -3.83
C ILE A 9 -1.29 -14.77 -5.00
N ASN A 10 -2.58 -14.67 -4.70
CA ASN A 10 -3.57 -14.41 -5.74
C ASN A 10 -3.22 -13.09 -6.46
N PRO A 11 -3.39 -13.04 -7.78
CA PRO A 11 -2.91 -11.85 -8.51
C PRO A 11 -3.69 -10.58 -8.18
N TRP A 12 -4.96 -10.69 -7.77
CA TRP A 12 -5.68 -9.48 -7.39
C TRP A 12 -5.39 -9.07 -5.96
N ILE A 13 -5.15 -10.03 -5.07
CA ILE A 13 -4.55 -9.69 -3.78
C ILE A 13 -3.27 -8.92 -4.01
N LEU A 14 -2.43 -9.42 -4.91
CA LEU A 14 -1.13 -8.81 -5.16
C LEU A 14 -1.28 -7.37 -5.66
N THR A 15 -2.18 -7.17 -6.63
CA THR A 15 -2.37 -5.83 -7.17
C THR A 15 -2.94 -4.87 -6.12
N GLY A 16 -3.94 -5.31 -5.36
CA GLY A 16 -4.41 -4.50 -4.23
C GLY A 16 -3.29 -4.15 -3.26
N PHE A 17 -2.42 -5.12 -2.97
CA PHE A 17 -1.25 -4.85 -2.15
C PHE A 17 -0.31 -3.86 -2.82
N ALA A 18 -0.09 -4.02 -4.13
CA ALA A 18 0.74 -3.06 -4.86
C ALA A 18 0.16 -1.64 -4.80
N ASP A 19 -1.17 -1.52 -4.95
CA ASP A 19 -1.79 -0.21 -4.84
C ASP A 19 -1.54 0.42 -3.47
N ALA A 20 -1.41 -0.42 -2.43
CA ALA A 20 -1.19 0.06 -1.07
C ALA A 20 0.29 0.13 -0.69
N GLU A 21 1.17 -0.61 -1.38
CA GLU A 21 2.55 -0.72 -0.93
C GLU A 21 3.60 -0.64 -2.03
N GLY A 22 3.23 -0.59 -3.30
CA GLY A 22 4.22 -0.54 -4.35
C GLY A 22 4.67 0.88 -4.66
N SER A 23 5.83 0.99 -5.29
CA SER A 23 6.32 2.25 -5.84
C SER A 23 7.09 1.95 -7.11
N PHE A 24 6.91 2.77 -8.13
CA PHE A 24 7.76 2.64 -9.30
C PHE A 24 8.99 3.53 -9.14
N LEU A 25 10.00 3.28 -9.96
CA LEU A 25 11.23 4.03 -9.84
C LEU A 25 11.83 4.26 -11.22
N LEU A 26 12.37 5.46 -11.40
CA LEU A 26 13.07 5.82 -12.63
C LEU A 26 14.25 6.68 -12.21
N ARG A 27 15.44 6.08 -12.23
CA ARG A 27 16.66 6.81 -11.93
C ARG A 27 17.28 7.31 -13.23
N ILE A 28 17.65 8.59 -13.24
CA ILE A 28 18.37 9.19 -14.35
C ILE A 28 19.58 9.85 -13.71
N ARG A 29 20.70 9.15 -13.69
CA ARG A 29 21.85 9.48 -12.84
C ARG A 29 22.98 10.03 -13.70
N LYS A 30 23.58 11.12 -13.22
CA LYS A 30 24.85 11.57 -13.79
C LYS A 30 25.85 10.43 -13.66
N ASN A 31 26.56 10.13 -14.75
CA ASN A 31 27.50 9.02 -14.75
C ASN A 31 28.66 9.37 -15.67
N ASN A 32 29.83 9.61 -15.08
CA ASN A 32 31.00 9.99 -15.86
C ASN A 32 31.49 8.87 -16.76
N LYS A 33 31.03 7.63 -16.55
CA LYS A 33 31.42 6.51 -17.40
C LYS A 33 30.38 6.20 -18.46
N SER A 34 29.29 6.95 -18.54
CA SER A 34 28.30 6.75 -19.58
C SER A 34 28.60 7.67 -20.75
N SER A 35 28.40 7.16 -21.97
CA SER A 35 28.76 7.91 -23.17
C SER A 35 28.00 9.23 -23.24
N VAL A 36 26.73 9.24 -22.84
CA VAL A 36 25.95 10.47 -22.81
C VAL A 36 26.04 11.18 -21.47
N GLY A 37 26.80 10.63 -20.52
CA GLY A 37 26.93 11.24 -19.21
C GLY A 37 25.82 10.90 -18.24
N TYR A 38 24.85 10.08 -18.64
CA TYR A 38 23.78 9.66 -17.74
C TYR A 38 23.53 8.17 -17.92
N SER A 39 23.29 7.49 -16.80
CA SER A 39 22.83 6.11 -16.79
C SER A 39 21.47 6.05 -16.09
N THR A 40 20.75 4.96 -16.32
CA THR A 40 19.37 4.88 -15.87
C THR A 40 19.13 3.58 -15.10
N GLU A 41 18.02 3.56 -14.38
CA GLU A 41 17.53 2.35 -13.72
C GLU A 41 16.01 2.49 -13.61
N LEU A 42 15.29 1.46 -14.04
CA LEU A 42 13.83 1.45 -14.05
C LEU A 42 13.34 0.25 -13.23
N GLY A 43 12.31 0.46 -12.41
CA GLY A 43 11.87 -0.66 -11.60
C GLY A 43 10.60 -0.42 -10.82
N PHE A 44 10.25 -1.46 -10.04
CA PHE A 44 9.13 -1.49 -9.12
C PHE A 44 9.65 -2.03 -7.79
N GLN A 45 9.09 -1.54 -6.69
CA GLN A 45 9.60 -1.97 -5.39
C GLN A 45 8.49 -1.89 -4.34
N ILE A 46 8.72 -2.62 -3.26
CA ILE A 46 7.84 -2.65 -2.09
C ILE A 46 8.74 -2.67 -0.86
N THR A 47 8.42 -1.84 0.13
CA THR A 47 9.14 -1.83 1.39
C THR A 47 8.16 -2.04 2.54
N LEU A 48 8.44 -3.05 3.36
CA LEU A 48 7.60 -3.44 4.48
C LEU A 48 8.45 -3.56 5.73
N HIS A 49 7.79 -3.71 6.87
CA HIS A 49 8.50 -4.00 8.10
C HIS A 49 9.08 -5.40 8.04
N ASN A 50 10.18 -5.60 8.76
CA ASN A 50 10.85 -6.91 8.80
C ASN A 50 9.85 -8.03 9.10
N LYS A 51 8.88 -7.76 9.97
CA LYS A 51 7.92 -8.79 10.36
C LYS A 51 7.14 -9.32 9.16
N ASP A 52 7.12 -8.60 8.04
CA ASP A 52 6.35 -9.01 6.87
C ASP A 52 7.24 -9.52 5.74
N LYS A 53 8.49 -9.87 6.03
CA LYS A 53 9.40 -10.33 4.99
C LYS A 53 8.78 -11.45 4.14
N SER A 54 7.91 -12.26 4.74
CA SER A 54 7.32 -13.39 4.05
C SER A 54 6.50 -12.96 2.83
N ILE A 55 5.74 -11.86 2.96
CA ILE A 55 5.00 -11.36 1.81
C ILE A 55 5.96 -11.13 0.64
N LEU A 56 7.10 -10.49 0.91
CA LEU A 56 8.05 -10.20 -0.15
C LEU A 56 8.59 -11.49 -0.77
N GLU A 57 8.88 -12.49 0.05
CA GLU A 57 9.36 -13.76 -0.49
C GLU A 57 8.29 -14.43 -1.33
N ASN A 58 7.02 -14.38 -0.89
CA ASN A 58 5.95 -14.95 -1.68
C ASN A 58 5.81 -14.25 -3.03
N ILE A 59 5.94 -12.92 -3.04
CA ILE A 59 5.87 -12.19 -4.31
C ILE A 59 7.06 -12.54 -5.17
N GLN A 60 8.26 -12.54 -4.59
CA GLN A 60 9.45 -12.91 -5.34
C GLN A 60 9.28 -14.29 -6.00
N SER A 61 8.63 -15.22 -5.30
CA SER A 61 8.42 -16.56 -5.83
C SER A 61 7.27 -16.60 -6.83
N THR A 62 6.17 -15.91 -6.54
CA THR A 62 5.04 -15.87 -7.46
C THR A 62 5.45 -15.28 -8.80
N TRP A 63 6.21 -14.19 -8.78
CA TRP A 63 6.63 -13.56 -10.04
C TRP A 63 7.89 -14.18 -10.61
N GLY A 64 8.77 -14.72 -9.77
CA GLY A 64 10.07 -15.18 -10.22
C GLY A 64 11.07 -14.07 -10.47
N VAL A 65 10.86 -12.89 -9.88
CA VAL A 65 11.73 -11.74 -10.12
C VAL A 65 11.98 -11.01 -8.81
N GLY A 66 12.95 -10.11 -8.84
CA GLY A 66 13.20 -9.21 -7.74
C GLY A 66 14.25 -9.72 -6.77
N VAL A 67 14.83 -8.78 -6.04
CA VAL A 67 15.84 -9.08 -5.04
C VAL A 67 15.42 -8.46 -3.71
N ILE A 68 15.64 -9.19 -2.63
CA ILE A 68 15.22 -8.79 -1.30
C ILE A 68 16.43 -8.31 -0.51
N ALA A 69 16.27 -7.20 0.21
CA ALA A 69 17.36 -6.69 1.03
C ALA A 69 16.81 -5.86 2.18
N ASN A 70 17.61 -5.78 3.25
CA ASN A 70 17.26 -4.89 4.34
C ASN A 70 17.12 -3.47 3.83
N SER A 71 16.16 -2.76 4.40
CA SER A 71 15.98 -1.34 4.14
C SER A 71 16.11 -0.69 5.51
N GLY A 72 17.35 -0.38 5.89
CA GLY A 72 17.55 0.17 7.21
C GLY A 72 17.36 -0.86 8.30
N ASP A 73 17.17 -0.35 9.53
CA ASP A 73 17.19 -1.17 10.74
C ASP A 73 16.01 -2.13 10.79
N ASN A 74 14.83 -1.67 10.39
CA ASN A 74 13.60 -2.36 10.74
C ASN A 74 12.75 -2.74 9.54
N ALA A 75 13.20 -2.46 8.31
CA ALA A 75 12.39 -2.69 7.14
C ALA A 75 13.16 -3.55 6.13
N VAL A 76 12.41 -4.13 5.21
CA VAL A 76 12.95 -4.98 4.15
C VAL A 76 12.24 -4.60 2.85
N SER A 77 12.97 -4.70 1.73
CA SER A 77 12.43 -4.27 0.45
C SER A 77 12.54 -5.38 -0.59
N LEU A 78 11.56 -5.39 -1.50
CA LEU A 78 11.64 -6.15 -2.74
C LEU A 78 11.77 -5.14 -3.87
N LYS A 79 12.91 -5.15 -4.55
CA LYS A 79 13.16 -4.27 -5.68
C LYS A 79 13.31 -5.11 -6.94
N VAL A 80 12.66 -4.67 -8.01
CA VAL A 80 12.76 -5.30 -9.32
C VAL A 80 13.23 -4.24 -10.30
N THR A 81 14.50 -4.31 -10.71
CA THR A 81 15.01 -3.40 -11.72
C THR A 81 15.72 -4.09 -12.88
N ARG A 82 15.99 -5.39 -12.79
CA ARG A 82 16.52 -6.13 -13.94
C ARG A 82 15.58 -5.96 -15.11
N PHE A 83 16.08 -5.41 -16.22
CA PHE A 83 15.19 -4.95 -17.28
C PHE A 83 14.30 -6.09 -17.79
N GLU A 84 14.86 -7.27 -18.03
CA GLU A 84 14.04 -8.37 -18.52
C GLU A 84 12.97 -8.74 -17.50
N ASP A 85 13.29 -8.66 -16.21
CA ASP A 85 12.29 -8.94 -15.17
C ASP A 85 11.11 -7.97 -15.24
N LEU A 86 11.32 -6.76 -15.76
CA LEU A 86 10.23 -5.80 -15.78
C LEU A 86 9.11 -6.20 -16.73
N LYS A 87 9.38 -7.08 -17.69
CA LYS A 87 8.31 -7.62 -18.52
C LYS A 87 7.29 -8.37 -17.67
N VAL A 88 7.76 -9.07 -16.64
CA VAL A 88 6.83 -9.74 -15.74
C VAL A 88 5.90 -8.72 -15.07
N ILE A 89 6.49 -7.64 -14.55
CA ILE A 89 5.70 -6.60 -13.91
C ILE A 89 4.64 -6.08 -14.88
N ILE A 90 5.04 -5.81 -16.12
CA ILE A 90 4.11 -5.26 -17.10
C ILE A 90 3.01 -6.27 -17.41
N ASP A 91 3.39 -7.54 -17.61
CA ASP A 91 2.38 -8.57 -17.88
C ASP A 91 1.38 -8.66 -16.74
N HIS A 92 1.87 -8.59 -15.49
CA HIS A 92 0.94 -8.65 -14.36
C HIS A 92 0.01 -7.46 -14.35
N PHE A 93 0.56 -6.24 -14.42
CA PHE A 93 -0.29 -5.07 -14.29
C PHE A 93 -1.12 -4.81 -15.54
N GLU A 94 -0.73 -5.39 -16.68
CA GLU A 94 -1.64 -5.38 -17.82
C GLU A 94 -2.87 -6.24 -17.53
N LYS A 95 -2.68 -7.39 -16.90
CA LYS A 95 -3.80 -8.30 -16.66
C LYS A 95 -4.61 -7.88 -15.43
N TYR A 96 -3.96 -7.30 -14.42
CA TYR A 96 -4.59 -6.99 -13.15
C TYR A 96 -4.20 -5.56 -12.79
N PRO A 97 -4.88 -4.58 -13.37
CA PRO A 97 -4.35 -3.21 -13.33
C PRO A 97 -4.55 -2.54 -11.99
N LEU A 98 -3.60 -1.67 -11.68
CA LEU A 98 -3.69 -0.85 -10.48
C LEU A 98 -4.94 0.02 -10.52
N ILE A 99 -5.43 0.35 -9.33
CA ILE A 99 -6.71 1.02 -9.17
C ILE A 99 -6.57 2.47 -8.71
N THR A 100 -5.56 2.79 -7.90
CA THR A 100 -5.38 4.13 -7.37
C THR A 100 -4.65 5.01 -8.38
N GLN A 101 -4.41 6.28 -8.01
CA GLN A 101 -3.62 7.18 -8.85
C GLN A 101 -2.23 6.62 -9.14
N LYS A 102 -1.75 5.65 -8.35
CA LYS A 102 -0.50 4.99 -8.69
C LYS A 102 -0.54 4.40 -10.09
N TYR A 103 -1.75 4.10 -10.59
CA TYR A 103 -1.89 3.64 -11.97
C TYR A 103 -1.23 4.61 -12.96
N ALA A 104 -1.41 5.92 -12.77
CA ALA A 104 -0.72 6.87 -13.62
C ALA A 104 0.79 6.67 -13.55
N ASP A 105 1.31 6.37 -12.35
CA ASP A 105 2.74 6.11 -12.23
C ASP A 105 3.13 4.84 -12.98
N TYR A 106 2.24 3.84 -12.99
CA TYR A 106 2.51 2.65 -13.78
C TYR A 106 2.64 2.99 -15.26
N MET A 107 1.75 3.84 -15.78
CA MET A 107 1.79 4.18 -17.20
C MET A 107 3.08 4.91 -17.56
N LEU A 108 3.53 5.82 -16.68
CA LEU A 108 4.81 6.50 -16.90
C LEU A 108 5.95 5.49 -16.92
N PHE A 109 5.89 4.49 -16.03
CA PHE A 109 6.90 3.42 -15.99
C PHE A 109 6.90 2.63 -17.30
N LYS A 110 5.72 2.35 -17.85
CA LYS A 110 5.61 1.74 -19.18
C LYS A 110 6.29 2.59 -20.25
N GLN A 111 6.00 3.90 -20.27
CA GLN A 111 6.64 4.78 -21.24
C GLN A 111 8.16 4.71 -21.12
N ALA A 112 8.68 4.77 -19.90
CA ALA A 112 10.13 4.67 -19.72
C ALA A 112 10.63 3.31 -20.21
N PHE A 113 9.88 2.24 -19.95
CA PHE A 113 10.28 0.94 -20.45
C PHE A 113 10.46 0.96 -21.97
N ASN A 114 9.49 1.54 -22.68
CA ASN A 114 9.54 1.57 -24.13
C ASN A 114 10.76 2.31 -24.63
N VAL A 115 11.04 3.50 -24.08
CA VAL A 115 12.27 4.21 -24.43
C VAL A 115 13.47 3.28 -24.29
N MET A 116 13.60 2.63 -23.13
CA MET A 116 14.78 1.82 -22.87
C MET A 116 14.81 0.58 -23.74
N GLU A 117 13.64 -0.01 -24.03
CA GLU A 117 13.62 -1.22 -24.84
C GLU A 117 14.16 -0.96 -26.24
N ASN A 118 13.85 0.22 -26.79
CA ASN A 118 14.44 0.67 -28.04
C ASN A 118 15.86 1.17 -27.88
N LYS A 119 16.44 1.02 -26.69
CA LYS A 119 17.81 1.45 -26.41
C LYS A 119 18.00 2.95 -26.57
N GLU A 120 16.91 3.72 -26.58
CA GLU A 120 17.04 5.16 -26.77
C GLU A 120 17.67 5.85 -25.57
N HIS A 121 17.69 5.20 -24.41
CA HIS A 121 18.32 5.78 -23.23
C HIS A 121 19.83 5.88 -23.36
N LEU A 122 20.42 5.25 -24.37
CA LEU A 122 21.84 5.40 -24.67
C LEU A 122 22.11 6.59 -25.58
N THR A 123 21.10 7.42 -25.84
CA THR A 123 21.27 8.70 -26.52
C THR A 123 20.84 9.83 -25.58
N ILE A 124 21.37 11.02 -25.83
CA ILE A 124 20.98 12.16 -25.02
C ILE A 124 19.52 12.51 -25.26
N GLU A 125 19.04 12.34 -26.51
CA GLU A 125 17.64 12.61 -26.80
C GLU A 125 16.73 11.68 -26.00
N GLY A 126 17.12 10.40 -25.88
CA GLY A 126 16.34 9.48 -25.07
C GLY A 126 16.41 9.81 -23.59
N ILE A 127 17.59 10.20 -23.11
CA ILE A 127 17.70 10.70 -21.75
C ILE A 127 16.73 11.84 -21.54
N LYS A 128 16.65 12.76 -22.50
CA LYS A 128 15.74 13.89 -22.38
C LYS A 128 14.28 13.43 -22.31
N GLU A 129 13.91 12.44 -23.13
CA GLU A 129 12.53 11.96 -23.05
C GLU A 129 12.24 11.31 -21.69
N LEU A 130 13.19 10.52 -21.17
CA LEU A 130 13.03 9.95 -19.84
C LEU A 130 12.82 11.03 -18.80
N VAL A 131 13.53 12.16 -18.95
CA VAL A 131 13.38 13.26 -18.01
C VAL A 131 11.97 13.81 -18.05
N ARG A 132 11.43 13.98 -19.26
CA ARG A 132 10.05 14.45 -19.37
C ARG A 132 9.09 13.46 -18.74
N ILE A 133 9.34 12.16 -18.93
CA ILE A 133 8.52 11.14 -18.28
C ILE A 133 8.63 11.28 -16.77
N LYS A 134 9.87 11.41 -16.26
CA LYS A 134 10.09 11.42 -14.83
C LYS A 134 9.50 12.67 -14.18
N ALA A 135 9.39 13.76 -14.94
CA ALA A 135 8.83 14.99 -14.40
C ALA A 135 7.41 14.79 -13.89
N LYS A 136 6.69 13.78 -14.40
CA LYS A 136 5.33 13.48 -13.96
C LYS A 136 5.24 12.27 -13.05
N LEU A 137 6.35 11.61 -12.75
CA LEU A 137 6.35 10.36 -12.00
C LEU A 137 6.62 10.65 -10.53
N ASN A 138 5.73 10.18 -9.66
CA ASN A 138 5.94 10.27 -8.22
C ASN A 138 6.26 11.70 -7.82
N TRP A 139 7.47 11.96 -7.29
CA TRP A 139 7.84 13.30 -6.85
C TRP A 139 8.43 14.16 -7.95
N GLY A 140 8.56 13.64 -9.17
CA GLY A 140 9.01 14.46 -10.27
C GLY A 140 10.51 14.67 -10.30
N LEU A 141 10.90 15.80 -10.90
CA LEU A 141 12.31 16.05 -11.17
C LEU A 141 13.06 16.45 -9.91
N THR A 142 14.29 15.96 -9.80
CA THR A 142 15.21 16.40 -8.76
C THR A 142 15.83 17.74 -9.14
N ASP A 143 16.47 18.37 -8.15
CA ASP A 143 17.13 19.65 -8.41
C ASP A 143 18.21 19.51 -9.47
N GLU A 144 18.96 18.41 -9.45
CA GLU A 144 20.01 18.20 -10.44
C GLU A 144 19.43 18.10 -11.85
N LEU A 145 18.29 17.41 -11.99
CA LEU A 145 17.70 17.26 -13.32
C LEU A 145 17.04 18.57 -13.77
N LYS A 146 16.40 19.30 -12.84
CA LYS A 146 15.89 20.63 -13.16
C LYS A 146 17.00 21.52 -13.70
N LYS A 147 18.15 21.53 -13.00
CA LYS A 147 19.28 22.36 -13.42
C LYS A 147 19.83 21.91 -14.76
N ALA A 148 19.90 20.60 -15.00
CA ALA A 148 20.52 20.10 -16.22
C ALA A 148 19.59 20.14 -17.43
N PHE A 149 18.28 20.12 -17.23
CA PHE A 149 17.32 20.04 -18.34
C PHE A 149 16.25 21.10 -18.16
N PRO A 150 16.62 22.37 -18.27
CA PRO A 150 15.60 23.43 -18.17
C PRO A 150 14.63 23.31 -19.34
N GLU A 151 13.34 23.31 -19.03
CA GLU A 151 12.33 23.13 -20.05
C GLU A 151 10.96 23.26 -19.39
N ILE A 152 10.07 24.06 -19.98
CA ILE A 152 8.70 24.05 -19.51
C ILE A 152 8.07 22.73 -19.96
N ILE A 153 7.70 21.91 -18.98
CA ILE A 153 7.18 20.58 -19.22
C ILE A 153 5.79 20.50 -18.63
N SER A 154 4.84 19.95 -19.39
CA SER A 154 3.56 19.55 -18.82
C SER A 154 3.80 18.75 -17.54
N LYS A 155 3.04 19.08 -16.49
CA LYS A 155 3.09 18.34 -15.24
C LYS A 155 1.78 17.63 -14.91
N GLU A 156 0.73 17.85 -15.69
CA GLU A 156 -0.56 17.25 -15.41
C GLU A 156 -0.51 15.75 -15.59
N ARG A 157 -0.97 15.02 -14.58
CA ARG A 157 -1.07 13.58 -14.63
C ARG A 157 -2.49 13.18 -15.02
N SER A 158 -2.59 12.01 -15.67
CA SER A 158 -3.90 11.42 -15.90
C SER A 158 -4.59 11.19 -14.57
N LEU A 159 -5.79 11.75 -14.42
CA LEU A 159 -6.61 11.47 -13.25
C LEU A 159 -7.27 10.12 -13.41
N ILE A 160 -7.18 9.27 -12.39
CA ILE A 160 -7.59 7.88 -12.48
C ILE A 160 -8.98 7.75 -11.88
N ASN A 161 -9.91 7.24 -12.66
CA ASN A 161 -11.27 6.96 -12.17
C ASN A 161 -11.56 5.50 -12.45
N LYS A 162 -11.38 4.65 -11.44
CA LYS A 162 -11.64 3.23 -11.56
C LYS A 162 -12.36 2.73 -10.32
N ASN A 163 -13.37 1.90 -10.54
CA ASN A 163 -14.06 1.28 -9.43
C ASN A 163 -13.18 0.20 -8.79
N ILE A 164 -13.48 -0.12 -7.54
CA ILE A 164 -12.88 -1.30 -6.91
C ILE A 164 -13.25 -2.50 -7.78
N PRO A 165 -12.29 -3.27 -8.30
CA PRO A 165 -12.61 -4.28 -9.31
C PRO A 165 -13.18 -5.59 -8.76
N ASN A 166 -12.84 -5.93 -7.52
CA ASN A 166 -13.32 -7.15 -6.88
C ASN A 166 -12.78 -7.15 -5.46
N PHE A 167 -13.35 -8.02 -4.62
CA PHE A 167 -13.06 -7.93 -3.19
C PHE A 167 -11.68 -8.46 -2.83
N LYS A 168 -11.07 -9.27 -3.70
CA LYS A 168 -9.69 -9.68 -3.44
C LYS A 168 -8.75 -8.50 -3.51
N TRP A 169 -8.96 -7.59 -4.48
CA TRP A 169 -8.21 -6.34 -4.49
C TRP A 169 -8.32 -5.63 -3.15
N LEU A 170 -9.54 -5.54 -2.61
CA LEU A 170 -9.74 -4.84 -1.35
C LEU A 170 -9.00 -5.53 -0.21
N ALA A 171 -8.96 -6.87 -0.22
CA ALA A 171 -8.20 -7.57 0.80
C ALA A 171 -6.70 -7.27 0.68
N GLY A 172 -6.20 -7.19 -0.55
CA GLY A 172 -4.81 -6.79 -0.73
C GLY A 172 -4.54 -5.38 -0.26
N PHE A 173 -5.39 -4.43 -0.69
CA PHE A 173 -5.24 -3.04 -0.31
C PHE A 173 -5.27 -2.89 1.21
N THR A 174 -6.24 -3.52 1.87
CA THR A 174 -6.35 -3.44 3.33
C THR A 174 -5.11 -4.02 4.01
N SER A 175 -4.59 -5.14 3.49
CA SER A 175 -3.37 -5.70 4.04
C SER A 175 -2.24 -4.68 4.04
N GLY A 176 -2.26 -3.74 3.10
CA GLY A 176 -1.23 -2.74 3.06
C GLY A 176 -1.53 -1.52 3.92
N ASP A 177 -2.64 -0.84 3.65
CA ASP A 177 -2.94 0.45 4.28
C ASP A 177 -4.04 0.37 5.33
N GLY A 178 -4.50 -0.84 5.70
CA GLY A 178 -5.56 -0.96 6.67
C GLY A 178 -5.06 -1.09 8.11
N CYS A 179 -6.01 -1.06 9.04
CA CYS A 179 -5.69 -1.15 10.46
C CYS A 179 -6.88 -1.69 11.26
N PHE A 180 -6.62 -2.71 12.09
CA PHE A 180 -7.59 -3.26 13.03
C PHE A 180 -7.13 -2.90 14.43
N PHE A 181 -7.91 -2.09 15.13
CA PHE A 181 -7.47 -1.40 16.33
C PHE A 181 -8.50 -1.58 17.43
N VAL A 182 -8.02 -1.82 18.64
CA VAL A 182 -8.84 -1.87 19.85
C VAL A 182 -8.58 -0.56 20.61
N ASN A 183 -9.55 0.35 20.56
CA ASN A 183 -9.47 1.64 21.22
C ASN A 183 -9.97 1.50 22.66
N LEU A 184 -9.14 1.91 23.61
CA LEU A 184 -9.50 1.88 25.03
C LEU A 184 -9.80 3.31 25.46
N ILE A 185 -11.07 3.59 25.69
CA ILE A 185 -11.55 4.95 25.96
C ILE A 185 -11.69 5.10 27.46
N LYS A 186 -10.92 6.03 28.03
CA LYS A 186 -10.92 6.23 29.47
C LYS A 186 -12.17 6.99 29.89
N SER A 187 -12.98 6.35 30.73
CA SER A 187 -14.20 6.92 31.27
C SER A 187 -14.13 6.89 32.79
N LYS A 188 -15.18 7.42 33.43
CA LYS A 188 -15.28 7.41 34.88
C LYS A 188 -16.16 6.29 35.41
N SER A 189 -16.62 5.38 34.54
CA SER A 189 -17.43 4.24 34.96
C SER A 189 -16.72 3.49 36.09
N LYS A 190 -17.48 2.59 36.73
CA LYS A 190 -16.88 1.73 37.74
C LYS A 190 -15.78 0.85 37.12
N LEU A 191 -16.02 0.34 35.91
CA LEU A 191 -14.95 -0.31 35.18
C LEU A 191 -13.96 0.71 34.63
N GLY A 192 -14.47 1.87 34.19
CA GLY A 192 -13.63 3.00 33.83
C GLY A 192 -12.96 2.92 32.48
N VAL A 193 -13.35 1.97 31.63
CA VAL A 193 -12.79 1.88 30.29
C VAL A 193 -13.86 1.36 29.34
N GLN A 194 -14.09 2.10 28.27
CA GLN A 194 -14.96 1.66 27.18
C GLN A 194 -14.09 1.05 26.09
N VAL A 195 -14.39 -0.19 25.72
CA VAL A 195 -13.69 -0.87 24.64
C VAL A 195 -14.39 -0.52 23.34
N GLN A 196 -13.65 0.03 22.37
CA GLN A 196 -14.20 0.39 21.07
C GLN A 196 -13.31 -0.21 19.99
N LEU A 197 -13.90 -1.05 19.16
CA LEU A 197 -13.22 -1.57 17.98
C LEU A 197 -13.28 -0.56 16.85
N VAL A 198 -12.15 -0.39 16.17
CA VAL A 198 -12.04 0.53 15.04
C VAL A 198 -11.42 -0.22 13.87
N PHE A 199 -12.07 -0.16 12.73
CA PHE A 199 -11.47 -0.53 11.47
C PHE A 199 -11.18 0.73 10.67
N SER A 200 -10.00 0.81 10.07
CA SER A 200 -9.67 1.97 9.26
C SER A 200 -8.84 1.54 8.06
N ILE A 201 -8.96 2.34 6.99
CA ILE A 201 -8.04 2.34 5.87
C ILE A 201 -7.64 3.79 5.61
N THR A 202 -6.34 4.03 5.50
CA THR A 202 -5.78 5.37 5.37
C THR A 202 -5.28 5.58 3.96
N GLN A 203 -5.44 6.79 3.42
CA GLN A 203 -5.02 7.06 2.05
C GLN A 203 -4.86 8.56 1.80
N HIS A 204 -3.87 8.90 0.98
CA HIS A 204 -3.71 10.26 0.50
C HIS A 204 -5.02 10.78 -0.11
N ILE A 205 -5.25 12.10 0.03
CA ILE A 205 -6.49 12.72 -0.44
C ILE A 205 -6.70 12.53 -1.94
N ARG A 206 -5.62 12.39 -2.71
CA ARG A 206 -5.76 12.25 -4.16
C ARG A 206 -6.71 11.13 -4.56
N ASP A 207 -6.99 10.18 -3.65
CA ASP A 207 -7.92 9.09 -3.96
C ASP A 207 -9.15 9.15 -3.05
N LYS A 208 -9.62 10.38 -2.77
CA LYS A 208 -10.85 10.55 -2.00
C LYS A 208 -12.01 9.79 -2.63
N ASN A 209 -12.11 9.80 -3.96
CA ASN A 209 -13.24 9.13 -4.61
C ASN A 209 -13.27 7.64 -4.29
N LEU A 210 -12.13 6.96 -4.46
CA LEU A 210 -12.08 5.54 -4.14
C LEU A 210 -12.39 5.30 -2.67
N MET A 211 -11.81 6.09 -1.77
CA MET A 211 -12.06 5.90 -0.35
C MET A 211 -13.53 6.10 -0.04
N ASN A 212 -14.14 7.13 -0.63
CA ASN A 212 -15.55 7.38 -0.41
C ASN A 212 -16.41 6.23 -0.93
N SER A 213 -15.97 5.56 -2.00
CA SER A 213 -16.72 4.43 -2.53
C SER A 213 -16.80 3.28 -1.54
N LEU A 214 -15.87 3.20 -0.58
CA LEU A 214 -15.88 2.13 0.40
C LEU A 214 -17.14 2.14 1.24
N ILE A 215 -17.71 3.33 1.47
CA ILE A 215 -18.96 3.41 2.22
C ILE A 215 -20.03 2.59 1.52
N THR A 216 -20.12 2.75 0.20
CA THR A 216 -21.13 2.02 -0.57
C THR A 216 -20.79 0.53 -0.65
N TYR A 217 -19.52 0.21 -0.94
CA TYR A 217 -19.15 -1.18 -1.17
C TYR A 217 -19.30 -2.01 0.12
N LEU A 218 -18.93 -1.45 1.26
CA LEU A 218 -18.97 -2.18 2.52
C LEU A 218 -20.24 -1.95 3.31
N GLY A 219 -21.10 -1.04 2.87
CA GLY A 219 -22.36 -0.82 3.55
C GLY A 219 -22.26 -0.16 4.90
N CYS A 220 -21.13 0.44 5.24
CA CYS A 220 -20.96 1.07 6.55
C CYS A 220 -19.81 2.07 6.48
N GLY A 221 -19.55 2.73 7.60
CA GLY A 221 -18.38 3.57 7.75
C GLY A 221 -18.59 5.01 7.28
N TYR A 222 -17.53 5.80 7.47
CA TYR A 222 -17.52 7.21 7.13
C TYR A 222 -16.09 7.64 6.87
N ILE A 223 -15.94 8.86 6.38
CA ILE A 223 -14.65 9.40 5.96
C ILE A 223 -14.24 10.50 6.93
N LYS A 224 -13.02 10.43 7.45
CA LYS A 224 -12.42 11.50 8.23
C LYS A 224 -11.29 12.11 7.44
N LYS A 225 -11.34 13.42 7.25
CA LYS A 225 -10.28 14.16 6.56
C LYS A 225 -9.32 14.73 7.58
N LYS A 226 -8.03 14.57 7.31
CA LYS A 226 -6.97 15.08 8.18
C LYS A 226 -6.01 15.93 7.37
N ASN A 227 -5.58 17.02 7.95
CA ASN A 227 -4.62 17.91 7.32
C ASN A 227 -3.50 18.18 8.30
N LYS A 228 -2.29 18.33 7.76
CA LYS A 228 -1.12 18.61 8.57
C LYS A 228 -0.16 19.39 7.68
N SER A 229 0.05 20.66 8.02
CA SER A 229 0.84 21.55 7.18
C SER A 229 0.23 21.51 5.79
N GLU A 230 1.01 21.35 4.73
CA GLU A 230 0.46 21.28 3.38
C GLU A 230 -0.04 19.88 3.00
N PHE A 231 -0.10 18.94 3.93
CA PHE A 231 -0.40 17.55 3.60
C PHE A 231 -1.82 17.19 4.02
N SER A 232 -2.47 16.38 3.18
CA SER A 232 -3.85 15.99 3.42
C SER A 232 -4.03 14.51 3.12
N TRP A 233 -4.79 13.83 3.98
CA TRP A 233 -5.09 12.42 3.78
C TRP A 233 -6.44 12.11 4.41
N LEU A 234 -6.92 10.88 4.20
CA LEU A 234 -8.26 10.44 4.58
C LEU A 234 -8.19 9.12 5.32
N ASP A 235 -9.13 8.92 6.23
CA ASP A 235 -9.38 7.61 6.83
C ASP A 235 -10.83 7.22 6.59
N PHE A 236 -11.03 6.12 5.86
CA PHE A 236 -12.29 5.40 5.96
C PHE A 236 -12.31 4.67 7.30
N VAL A 237 -13.38 4.88 8.07
CA VAL A 237 -13.44 4.43 9.45
C VAL A 237 -14.78 3.74 9.70
N VAL A 238 -14.74 2.64 10.46
CA VAL A 238 -15.93 1.97 10.97
C VAL A 238 -15.78 1.80 12.48
N THR A 239 -16.70 2.38 13.23
CA THR A 239 -16.70 2.28 14.68
C THR A 239 -17.96 1.66 15.27
N LYS A 240 -19.01 1.42 14.47
CA LYS A 240 -20.26 0.87 14.98
C LYS A 240 -20.15 -0.65 15.05
N PHE A 241 -20.33 -1.20 16.25
CA PHE A 241 -20.08 -2.63 16.44
C PHE A 241 -20.96 -3.48 15.55
N SER A 242 -22.25 -3.14 15.43
CA SER A 242 -23.12 -3.98 14.62
C SER A 242 -22.65 -4.02 13.17
N ASP A 243 -22.06 -2.93 12.67
CA ASP A 243 -21.47 -2.97 11.34
C ASP A 243 -20.18 -3.78 11.32
N ILE A 244 -19.39 -3.71 12.40
CA ILE A 244 -18.19 -4.52 12.47
C ILE A 244 -18.55 -5.99 12.53
N ARG A 245 -19.55 -6.34 13.35
CA ARG A 245 -19.97 -7.73 13.48
C ARG A 245 -20.51 -8.28 12.16
N ASP A 246 -21.44 -7.57 11.52
CA ASP A 246 -22.16 -8.15 10.39
C ASP A 246 -21.52 -7.88 9.03
N LYS A 247 -20.64 -6.90 8.91
CA LYS A 247 -20.09 -6.56 7.60
C LYS A 247 -18.57 -6.69 7.54
N ILE A 248 -17.83 -5.99 8.41
CA ILE A 248 -16.38 -5.98 8.29
C ILE A 248 -15.81 -7.37 8.57
N ILE A 249 -16.17 -7.96 9.70
CA ILE A 249 -15.61 -9.26 10.07
C ILE A 249 -15.97 -10.33 9.03
N PRO A 250 -17.24 -10.49 8.63
CA PRO A 250 -17.55 -11.49 7.59
C PRO A 250 -16.84 -11.23 6.27
N PHE A 251 -16.69 -9.95 5.90
CA PHE A 251 -15.95 -9.65 4.68
C PHE A 251 -14.55 -10.23 4.73
N PHE A 252 -13.80 -9.92 5.79
CA PHE A 252 -12.42 -10.38 5.84
C PHE A 252 -12.29 -11.83 6.26
N GLN A 253 -13.32 -12.41 6.88
CA GLN A 253 -13.36 -13.87 7.03
C GLN A 253 -13.42 -14.54 5.66
N GLU A 254 -14.17 -13.96 4.73
CA GLU A 254 -14.26 -14.52 3.39
C GLU A 254 -13.04 -14.19 2.55
N TYR A 255 -12.58 -12.92 2.58
CA TYR A 255 -11.48 -12.45 1.75
C TYR A 255 -10.26 -12.24 2.63
N THR A 256 -9.33 -13.18 2.55
CA THR A 256 -8.27 -13.32 3.54
C THR A 256 -7.21 -12.24 3.40
N LEU A 257 -6.74 -11.74 4.53
CA LEU A 257 -5.63 -10.81 4.57
C LEU A 257 -4.31 -11.57 4.50
N ILE A 258 -3.24 -10.86 4.15
CA ILE A 258 -1.91 -11.44 4.09
C ILE A 258 -1.00 -10.74 5.10
N GLY A 259 0.02 -11.47 5.56
CA GLY A 259 1.01 -10.94 6.46
C GLY A 259 0.49 -10.77 7.88
N THR A 260 1.20 -9.92 8.64
CA THR A 260 0.86 -9.67 10.04
C THR A 260 -0.53 -9.08 10.21
N LYS A 261 -1.01 -8.29 9.25
CA LYS A 261 -2.36 -7.74 9.38
C LYS A 261 -3.37 -8.85 9.64
N LEU A 262 -3.14 -10.05 9.10
CA LEU A 262 -4.09 -11.13 9.32
C LEU A 262 -4.19 -11.50 10.80
N LYS A 263 -3.03 -11.59 11.48
CA LYS A 263 -3.06 -11.92 12.89
C LYS A 263 -3.72 -10.81 13.70
N ASP A 264 -3.49 -9.56 13.32
CA ASP A 264 -4.20 -8.46 13.97
C ASP A 264 -5.70 -8.61 13.82
N PHE A 265 -6.17 -8.88 12.59
CA PHE A 265 -7.60 -9.07 12.36
C PHE A 265 -8.14 -10.21 13.23
N GLU A 266 -7.43 -11.33 13.29
CA GLU A 266 -7.85 -12.46 14.12
C GLU A 266 -7.96 -12.06 15.58
N ASP A 267 -6.94 -11.38 16.11
CA ASP A 267 -7.00 -10.91 17.49
C ASP A 267 -8.18 -9.98 17.69
N TRP A 268 -8.31 -8.98 16.80
CA TRP A 268 -9.45 -8.08 16.78
C TRP A 268 -10.76 -8.85 16.86
N CYS A 269 -10.85 -9.95 16.12
CA CYS A 269 -12.07 -10.75 16.12
C CYS A 269 -12.32 -11.38 17.47
N LYS A 270 -11.24 -11.89 18.10
CA LYS A 270 -11.38 -12.41 19.46
C LYS A 270 -11.91 -11.35 20.41
N VAL A 271 -11.47 -10.10 20.25
CA VAL A 271 -12.04 -9.05 21.08
C VAL A 271 -13.51 -8.82 20.73
N ALA A 272 -13.85 -8.87 19.44
CA ALA A 272 -15.25 -8.65 19.04
C ALA A 272 -16.17 -9.71 19.65
N LYS A 273 -15.71 -10.97 19.69
CA LYS A 273 -16.51 -12.02 20.28
C LYS A 273 -16.75 -11.75 21.76
N LEU A 274 -15.69 -11.37 22.48
CA LEU A 274 -15.84 -10.98 23.87
C LEU A 274 -16.85 -9.84 24.03
N ILE A 275 -16.79 -8.87 23.12
CA ILE A 275 -17.73 -7.74 23.19
C ILE A 275 -19.15 -8.23 22.97
N GLU A 276 -19.33 -9.14 22.02
CA GLU A 276 -20.66 -9.67 21.76
C GLU A 276 -21.19 -10.43 22.97
N GLU A 277 -20.32 -11.12 23.69
CA GLU A 277 -20.70 -11.82 24.90
C GLU A 277 -20.78 -10.89 26.11
N LYS A 278 -20.64 -9.59 25.90
CA LYS A 278 -20.80 -8.58 26.95
C LYS A 278 -19.72 -8.66 28.01
N LYS A 279 -18.67 -9.46 27.78
CA LYS A 279 -17.59 -9.58 28.76
C LYS A 279 -16.64 -8.39 28.74
N HIS A 280 -16.72 -7.50 27.75
CA HIS A 280 -16.00 -6.24 27.85
C HIS A 280 -16.51 -5.37 29.00
N LEU A 281 -17.67 -5.72 29.57
CA LEU A 281 -18.22 -5.01 30.71
C LEU A 281 -17.84 -5.63 32.04
N THR A 282 -17.08 -6.72 32.04
CA THR A 282 -16.59 -7.35 33.25
C THR A 282 -15.10 -7.10 33.41
N GLU A 283 -14.63 -7.13 34.66
CA GLU A 283 -13.22 -6.90 34.92
C GLU A 283 -12.35 -7.97 34.27
N GLU A 284 -12.75 -9.24 34.38
CA GLU A 284 -11.97 -10.33 33.81
C GLU A 284 -11.95 -10.26 32.29
N GLY A 285 -13.08 -9.94 31.67
CA GLY A 285 -13.09 -9.76 30.22
C GLY A 285 -12.19 -8.61 29.79
N LEU A 286 -12.27 -7.49 30.50
CA LEU A 286 -11.46 -6.33 30.14
C LEU A 286 -9.97 -6.62 30.26
N ASP A 287 -9.56 -7.31 31.34
CA ASP A 287 -8.15 -7.70 31.47
C ASP A 287 -7.72 -8.53 30.27
N GLU A 288 -8.55 -9.47 29.85
CA GLU A 288 -8.20 -10.29 28.69
C GLU A 288 -8.07 -9.44 27.43
N ILE A 289 -8.99 -8.49 27.24
CA ILE A 289 -8.88 -7.63 26.08
C ILE A 289 -7.61 -6.78 26.15
N LYS A 290 -7.29 -6.26 27.34
CA LYS A 290 -6.03 -5.52 27.49
C LYS A 290 -4.84 -6.37 27.09
N LYS A 291 -4.83 -7.65 27.48
CA LYS A 291 -3.71 -8.53 27.14
C LYS A 291 -3.66 -8.83 25.65
N ILE A 292 -4.82 -9.03 25.02
CA ILE A 292 -4.82 -9.19 23.57
C ILE A 292 -4.29 -7.94 22.90
N LYS A 293 -4.71 -6.76 23.38
CA LYS A 293 -4.31 -5.52 22.73
C LYS A 293 -2.79 -5.33 22.76
N LEU A 294 -2.15 -5.67 23.88
CA LEU A 294 -0.72 -5.43 24.01
C LEU A 294 0.08 -6.13 22.92
N ASN A 295 -0.42 -7.25 22.40
CA ASN A 295 0.29 -7.99 21.38
C ASN A 295 -0.18 -7.69 19.96
N MET A 296 -1.04 -6.69 19.77
CA MET A 296 -1.50 -6.33 18.44
C MET A 296 -0.64 -5.22 17.85
N ASN A 297 -0.64 -5.16 16.51
CA ASN A 297 -0.13 -4.00 15.77
C ASN A 297 1.37 -3.84 16.04
N LYS A 298 1.86 -2.65 16.38
CA LYS A 298 3.29 -2.44 16.49
C LYS A 298 3.92 -3.22 17.64
N GLY A 299 3.13 -3.60 18.65
CA GLY A 299 3.67 -4.35 19.77
C GLY A 299 3.98 -5.81 19.46
N ARG A 300 3.38 -6.36 18.41
CA ARG A 300 3.59 -7.76 18.09
C ARG A 300 5.07 -8.04 17.84
N VAL A 301 5.58 -9.10 18.44
CA VAL A 301 7.00 -9.42 18.31
C VAL A 301 7.27 -10.15 16.99
N PHE A 302 6.37 -11.03 16.58
CA PHE A 302 6.59 -11.83 15.38
C PHE A 302 5.31 -12.47 14.90
CA CA D . -0.03 3.10 0.61
CA CA E . 1.53 -1.22 5.46
CA CA F . 5.66 0.48 2.57
CA CA G . 1.09 1.29 3.08
C1 EDO H . 18.02 -2.67 -21.20
O1 EDO H . 19.42 -2.98 -21.38
C2 EDO H . 17.47 -1.96 -22.43
O2 EDO H . 17.18 -2.90 -23.47
H11 EDO H . 17.46 -3.58 -21.02
H12 EDO H . 17.90 -2.02 -20.32
HO1 EDO H . 19.75 -3.40 -20.57
H21 EDO H . 16.57 -1.41 -22.17
H22 EDO H . 18.22 -1.24 -22.80
HO2 EDO H . 16.77 -2.44 -24.22
C1 EDO I . 18.42 -4.23 -2.68
O1 EDO I . 18.04 -4.54 -4.02
C2 EDO I . 18.09 -2.78 -2.37
O2 EDO I . 18.93 -2.30 -1.32
H11 EDO I . 17.89 -4.88 -1.99
H12 EDO I . 19.49 -4.40 -2.55
HO1 EDO I . 18.31 -5.45 -4.22
H21 EDO I . 18.24 -2.17 -3.27
H22 EDO I . 17.04 -2.70 -2.08
HO2 EDO I . 18.67 -1.39 -1.09
C1 EDO J . 1.54 9.60 -2.21
O1 EDO J . 2.73 9.16 -2.84
C2 EDO J . 0.41 8.65 -2.54
O2 EDO J . 0.44 7.51 -1.67
H11 EDO J . 1.68 9.65 -1.12
H12 EDO J . 1.29 10.61 -2.55
HO1 EDO J . 3.47 9.72 -2.56
H21 EDO J . -0.55 9.16 -2.43
H22 EDO J . 0.50 8.33 -3.57
HO2 EDO J . -0.17 6.83 -2.00
#